data_6ONY
#
_entry.id   6ONY
#
_cell.length_a   48.662
_cell.length_b   56.071
_cell.length_c   106.981
_cell.angle_alpha   90.000
_cell.angle_beta   90.000
_cell.angle_gamma   90.000
#
_symmetry.space_group_name_H-M   'P 21 21 21'
#
loop_
_entity.id
_entity.type
_entity.pdbx_description
1 polymer 'Bromodomain-containing protein 2'
2 non-polymer 1,2-ETHANEDIOL
3 non-polymer N-ethyl-4-[2-(4-fluoro-2,6-dimethylphenoxy)-5-(2-hydroxypropan-2-yl)phenyl]-6-methyl-7-oxo-6,7-dihydro-1H-pyrrolo[2,3-c]pyridine-2-carboxamide
4 water water
#
_entity_poly.entity_id   1
_entity_poly.type   'polypeptide(L)'
_entity_poly.pdbx_seq_one_letter_code
;GSHMGRVTNQLQYLHKVVMKALWKHQFAWPFRQPVDAVKLGLPDYHKIIKQPMDMGTIKRRLENNYYWAASECMQDFNTM
FTNCYIYNKPTDDIVLMAQTLEKIFLQKVASMPQEEQELVVTIPKN
;
_entity_poly.pdbx_strand_id   A,B
#
# COMPACT_ATOMS: atom_id res chain seq x y z
N GLY A 5 13.35 12.20 -16.08
CA GLY A 5 11.99 11.74 -16.27
C GLY A 5 11.56 11.56 -17.71
N ARG A 6 10.65 10.61 -17.97
CA ARG A 6 10.13 10.27 -19.30
C ARG A 6 8.63 9.93 -19.33
N VAL A 7 8.12 9.61 -20.53
CA VAL A 7 6.72 9.23 -20.76
C VAL A 7 6.67 7.74 -21.13
N THR A 8 6.22 6.89 -20.19
CA THR A 8 6.06 5.45 -20.42
C THR A 8 4.58 5.14 -20.57
N ASN A 9 4.27 3.93 -21.03
CA ASN A 9 2.89 3.46 -21.19
C ASN A 9 2.20 3.36 -19.79
N GLN A 10 2.95 2.82 -18.80
CA GLN A 10 2.55 2.65 -17.40
C GLN A 10 2.34 4.01 -16.72
N LEU A 11 3.28 4.97 -16.89
CA LEU A 11 3.14 6.34 -16.33
C LEU A 11 1.88 7.02 -16.90
N GLN A 12 1.59 6.79 -18.20
CA GLN A 12 0.40 7.29 -18.88
C GLN A 12 -0.87 6.66 -18.27
N TYR A 13 -0.82 5.35 -17.96
CA TYR A 13 -1.95 4.65 -17.36
C TYR A 13 -2.16 5.19 -15.92
N LEU A 14 -1.08 5.43 -15.18
CA LEU A 14 -1.18 5.98 -13.82
C LEU A 14 -1.80 7.37 -13.83
N HIS A 15 -1.52 8.15 -14.87
CA HIS A 15 -2.06 9.50 -15.00
C HIS A 15 -3.52 9.50 -15.46
N LYS A 16 -3.80 8.85 -16.59
CA LYS A 16 -5.11 8.87 -17.24
C LYS A 16 -6.12 7.92 -16.65
N VAL A 17 -5.69 6.85 -15.99
CA VAL A 17 -6.62 5.87 -15.41
C VAL A 17 -6.63 5.94 -13.87
N VAL A 18 -5.48 5.70 -13.22
CA VAL A 18 -5.39 5.67 -11.74
C VAL A 18 -5.65 7.05 -11.10
N MET A 19 -4.85 8.07 -11.45
CA MET A 19 -5.02 9.43 -10.92
C MET A 19 -6.40 9.98 -11.25
N LYS A 20 -6.91 9.73 -12.47
CA LYS A 20 -8.24 10.18 -12.90
C LYS A 20 -9.31 9.63 -11.96
N ALA A 21 -9.27 8.33 -11.62
CA ALA A 21 -10.22 7.68 -10.73
C ALA A 21 -10.11 8.22 -9.28
N LEU A 22 -8.91 8.42 -8.78
CA LEU A 22 -8.70 8.87 -7.39
C LEU A 22 -8.98 10.32 -7.16
N TRP A 23 -8.52 11.20 -8.07
CA TRP A 23 -8.66 12.66 -7.95
C TRP A 23 -10.11 13.13 -7.74
N LYS A 24 -11.05 12.52 -8.45
CA LYS A 24 -12.48 12.88 -8.41
C LYS A 24 -13.29 12.19 -7.31
N HIS A 25 -12.68 11.21 -6.60
CA HIS A 25 -13.39 10.48 -5.55
C HIS A 25 -13.90 11.41 -4.44
N GLN A 26 -15.10 11.15 -3.88
CA GLN A 26 -15.66 11.96 -2.78
C GLN A 26 -14.73 12.03 -1.54
N PHE A 27 -13.89 10.99 -1.30
CA PHE A 27 -12.95 10.98 -0.17
C PHE A 27 -11.58 11.56 -0.49
N ALA A 28 -11.39 12.07 -1.73
CA ALA A 28 -10.08 12.58 -2.16
C ALA A 28 -9.67 13.92 -1.61
N TRP A 29 -10.63 14.81 -1.27
CA TRP A 29 -10.34 16.18 -0.87
C TRP A 29 -9.25 16.33 0.24
N PRO A 30 -9.12 15.50 1.31
CA PRO A 30 -8.03 15.73 2.29
C PRO A 30 -6.65 15.33 1.74
N PHE A 31 -6.62 14.68 0.59
CA PHE A 31 -5.40 14.19 -0.05
C PHE A 31 -4.97 14.96 -1.31
N ARG A 32 -5.76 15.97 -1.74
CA ARG A 32 -5.48 16.73 -2.97
C ARG A 32 -4.39 17.76 -2.85
N GLN A 33 -4.01 18.08 -1.62
CA GLN A 33 -2.98 19.08 -1.32
C GLN A 33 -2.23 18.63 -0.08
N PRO A 34 -1.01 19.16 0.21
CA PRO A 34 -0.29 18.71 1.41
C PRO A 34 -1.09 18.93 2.68
N VAL A 35 -0.84 18.11 3.71
CA VAL A 35 -1.50 18.28 5.02
C VAL A 35 -1.01 19.63 5.56
N ASP A 36 -1.96 20.55 5.84
CA ASP A 36 -1.62 21.87 6.36
C ASP A 36 -1.61 21.75 7.88
N ALA A 37 -0.47 21.32 8.44
CA ALA A 37 -0.31 21.12 9.89
C ALA A 37 -0.49 22.40 10.72
N VAL A 38 -0.17 23.55 10.13
CA VAL A 38 -0.35 24.88 10.78
C VAL A 38 -1.85 25.14 10.95
N LYS A 39 -2.63 25.06 9.84
CA LYS A 39 -4.08 25.26 9.85
C LYS A 39 -4.80 24.24 10.76
N LEU A 40 -4.31 22.99 10.80
CA LEU A 40 -4.93 21.93 11.60
C LEU A 40 -4.55 21.94 13.06
N GLY A 41 -3.54 22.73 13.41
CA GLY A 41 -3.03 22.81 14.78
C GLY A 41 -2.32 21.54 15.19
N LEU A 42 -1.48 20.99 14.28
CA LEU A 42 -0.78 19.72 14.48
C LEU A 42 0.74 19.90 14.51
N PRO A 43 1.32 20.41 15.62
CA PRO A 43 2.78 20.71 15.61
C PRO A 43 3.68 19.50 15.51
N ASP A 44 3.20 18.29 15.83
CA ASP A 44 4.01 17.07 15.74
C ASP A 44 3.99 16.40 14.34
N TYR A 45 3.18 16.92 13.40
CA TYR A 45 3.00 16.26 12.10
C TYR A 45 4.32 16.08 11.36
N HIS A 46 5.05 17.19 11.13
CA HIS A 46 6.33 17.16 10.42
C HIS A 46 7.48 16.55 11.24
N LYS A 47 7.23 16.23 12.53
CA LYS A 47 8.20 15.53 13.37
C LYS A 47 8.06 14.01 13.20
N ILE A 48 6.85 13.54 12.94
CA ILE A 48 6.56 12.11 12.74
C ILE A 48 6.62 11.77 11.23
N ILE A 49 6.10 12.65 10.38
CA ILE A 49 6.06 12.43 8.94
C ILE A 49 7.17 13.22 8.29
N LYS A 50 8.25 12.53 7.96
CA LYS A 50 9.44 13.15 7.39
C LYS A 50 9.40 13.23 5.90
N GLN A 51 8.49 12.46 5.25
CA GLN A 51 8.31 12.54 3.80
C GLN A 51 6.86 12.81 3.46
N PRO A 52 6.36 14.05 3.63
CA PRO A 52 4.95 14.31 3.29
C PRO A 52 4.67 14.04 1.80
N MET A 53 3.47 13.56 1.46
CA MET A 53 3.11 13.30 0.08
C MET A 53 1.63 13.46 -0.06
N ASP A 54 1.18 13.97 -1.22
CA ASP A 54 -0.24 14.18 -1.49
C ASP A 54 -0.49 13.99 -2.99
N MET A 55 -1.76 13.80 -3.37
CA MET A 55 -2.14 13.58 -4.77
C MET A 55 -1.85 14.74 -5.67
N GLY A 56 -1.92 15.97 -5.15
CA GLY A 56 -1.61 17.18 -5.93
C GLY A 56 -0.17 17.18 -6.37
N THR A 57 0.76 16.81 -5.47
CA THR A 57 2.20 16.71 -5.78
C THR A 57 2.40 15.62 -6.85
N ILE A 58 1.76 14.43 -6.64
CA ILE A 58 1.85 13.32 -7.58
C ILE A 58 1.30 13.74 -8.96
N LYS A 59 0.15 14.45 -8.99
CA LYS A 59 -0.48 14.93 -10.21
C LYS A 59 0.46 15.89 -10.98
N ARG A 60 1.01 16.89 -10.28
CA ARG A 60 1.98 17.86 -10.80
C ARG A 60 3.20 17.13 -11.37
N ARG A 61 3.71 16.09 -10.66
CA ARG A 61 4.84 15.28 -11.12
C ARG A 61 4.54 14.48 -12.38
N LEU A 62 3.32 13.95 -12.52
CA LEU A 62 2.92 13.20 -13.71
C LEU A 62 2.78 14.15 -14.91
N GLU A 63 2.25 15.36 -14.67
CA GLU A 63 2.06 16.41 -15.67
C GLU A 63 3.39 16.98 -16.21
N ASN A 64 4.42 17.07 -15.34
CA ASN A 64 5.75 17.61 -15.66
C ASN A 64 6.82 16.54 -15.94
N ASN A 65 6.38 15.29 -16.23
CA ASN A 65 7.23 14.14 -16.56
C ASN A 65 8.44 13.99 -15.60
N TYR A 66 8.17 14.10 -14.27
CA TYR A 66 9.15 13.99 -13.19
C TYR A 66 9.67 12.55 -13.04
N TYR A 67 8.81 11.56 -13.20
CA TYR A 67 9.14 10.15 -12.98
C TYR A 67 9.85 9.48 -14.17
N TRP A 68 10.77 8.56 -13.88
CA TRP A 68 11.45 7.77 -14.89
C TRP A 68 10.72 6.44 -15.09
N ALA A 69 10.11 5.87 -14.00
CA ALA A 69 9.37 4.61 -14.04
C ALA A 69 8.06 4.66 -13.22
N ALA A 70 7.08 3.81 -13.58
CA ALA A 70 5.78 3.71 -12.89
C ALA A 70 5.91 3.34 -11.43
N SER A 71 6.88 2.46 -11.11
CA SER A 71 7.22 2.03 -9.74
C SER A 71 7.50 3.24 -8.80
N GLU A 72 8.14 4.31 -9.34
CA GLU A 72 8.46 5.51 -8.56
C GLU A 72 7.19 6.30 -8.20
N CYS A 73 6.24 6.37 -9.13
CA CYS A 73 4.97 7.07 -8.90
C CYS A 73 4.14 6.25 -7.88
N MET A 74 4.17 4.91 -8.03
CA MET A 74 3.44 4.00 -7.17
C MET A 74 3.94 4.11 -5.72
N GLN A 75 5.25 4.34 -5.54
CA GLN A 75 5.86 4.52 -4.22
C GLN A 75 5.38 5.79 -3.60
N ASP A 76 5.19 6.87 -4.42
CA ASP A 76 4.66 8.14 -3.90
C ASP A 76 3.22 7.97 -3.41
N PHE A 77 2.37 7.23 -4.18
CA PHE A 77 1.00 6.96 -3.70
C PHE A 77 1.07 6.21 -2.38
N ASN A 78 1.95 5.19 -2.31
CA ASN A 78 2.12 4.36 -1.12
C ASN A 78 2.58 5.20 0.08
N THR A 79 3.54 6.12 -0.11
CA THR A 79 4.01 7.04 0.95
C THR A 79 2.83 7.86 1.48
N MET A 80 2.03 8.43 0.60
CA MET A 80 0.87 9.22 1.00
C MET A 80 -0.09 8.40 1.91
N PHE A 81 -0.39 7.13 1.51
CA PHE A 81 -1.31 6.30 2.31
C PHE A 81 -0.68 5.89 3.64
N THR A 82 0.58 5.45 3.60
CA THR A 82 1.33 5.02 4.78
C THR A 82 1.48 6.15 5.80
N ASN A 83 1.75 7.37 5.35
CA ASN A 83 1.87 8.54 6.23
C ASN A 83 0.55 8.68 7.01
N CYS A 84 -0.56 8.49 6.34
CA CYS A 84 -1.89 8.59 6.96
C CYS A 84 -2.09 7.53 8.06
N TYR A 85 -1.75 6.27 7.78
CA TYR A 85 -1.91 5.17 8.74
C TYR A 85 -1.02 5.31 9.95
N ILE A 86 0.21 5.76 9.72
CA ILE A 86 1.20 5.92 10.78
C ILE A 86 0.90 7.07 11.72
N TYR A 87 0.55 8.23 11.19
CA TYR A 87 0.34 9.42 12.00
C TYR A 87 -0.96 9.39 12.80
N ASN A 88 -2.05 9.01 12.15
CA ASN A 88 -3.38 9.12 12.75
C ASN A 88 -3.71 7.96 13.67
N LYS A 89 -4.77 8.12 14.48
CA LYS A 89 -5.28 7.08 15.37
C LYS A 89 -6.07 6.06 14.54
N PRO A 90 -6.08 4.78 14.98
CA PRO A 90 -6.82 3.75 14.23
C PRO A 90 -8.30 4.08 13.92
N THR A 91 -8.95 4.81 14.82
CA THR A 91 -10.38 5.16 14.75
C THR A 91 -10.69 6.47 14.04
N ASP A 92 -9.65 7.19 13.58
CA ASP A 92 -9.87 8.45 12.86
C ASP A 92 -10.50 8.14 11.51
N ASP A 93 -11.50 8.92 11.10
CA ASP A 93 -12.19 8.73 9.81
C ASP A 93 -11.24 8.81 8.62
N ILE A 94 -10.21 9.67 8.71
CA ILE A 94 -9.22 9.82 7.64
C ILE A 94 -8.61 8.49 7.26
N VAL A 95 -8.41 7.58 8.23
CA VAL A 95 -7.84 6.24 8.00
C VAL A 95 -8.79 5.42 7.11
N LEU A 96 -10.11 5.55 7.34
CA LEU A 96 -11.12 4.86 6.52
C LEU A 96 -11.13 5.43 5.10
N MET A 97 -11.01 6.76 4.99
CA MET A 97 -10.95 7.49 3.69
C MET A 97 -9.73 7.02 2.89
N ALA A 98 -8.55 6.95 3.56
CA ALA A 98 -7.30 6.50 2.92
C ALA A 98 -7.45 5.04 2.44
N GLN A 99 -7.99 4.14 3.29
CA GLN A 99 -8.20 2.72 2.96
C GLN A 99 -9.12 2.58 1.75
N THR A 100 -10.17 3.39 1.66
CA THR A 100 -11.13 3.35 0.52
C THR A 100 -10.39 3.70 -0.76
N LEU A 101 -9.64 4.80 -0.75
CA LEU A 101 -8.86 5.22 -1.92
C LEU A 101 -7.78 4.24 -2.28
N GLU A 102 -7.10 3.65 -1.26
CA GLU A 102 -6.01 2.71 -1.53
C GLU A 102 -6.54 1.44 -2.18
N LYS A 103 -7.78 1.02 -1.87
CA LYS A 103 -8.34 -0.19 -2.47
C LYS A 103 -8.57 0.02 -3.97
N ILE A 104 -9.05 1.23 -4.33
CA ILE A 104 -9.25 1.63 -5.73
C ILE A 104 -7.87 1.67 -6.41
N PHE A 105 -6.87 2.28 -5.74
CA PHE A 105 -5.51 2.36 -6.27
C PHE A 105 -5.02 0.96 -6.66
N LEU A 106 -5.15 -0.03 -5.76
CA LEU A 106 -4.70 -1.39 -6.00
C LEU A 106 -5.54 -2.11 -7.08
N GLN A 107 -6.87 -1.89 -7.12
CA GLN A 107 -7.74 -2.50 -8.13
C GLN A 107 -7.29 -1.99 -9.50
N LYS A 108 -7.06 -0.67 -9.64
CA LYS A 108 -6.62 -0.08 -10.91
C LYS A 108 -5.21 -0.51 -11.30
N VAL A 109 -4.29 -0.60 -10.35
CA VAL A 109 -2.91 -1.00 -10.59
C VAL A 109 -2.84 -2.44 -11.11
N ALA A 110 -3.78 -3.31 -10.70
CA ALA A 110 -3.86 -4.71 -11.14
C ALA A 110 -4.09 -4.83 -12.67
N SER A 111 -4.66 -3.79 -13.31
CA SER A 111 -4.95 -3.75 -14.75
C SER A 111 -3.96 -2.89 -15.53
N MET A 112 -2.87 -2.47 -14.89
CA MET A 112 -1.85 -1.68 -15.57
C MET A 112 -1.14 -2.58 -16.65
N PRO A 113 -0.79 -2.03 -17.84
CA PRO A 113 0.00 -2.83 -18.82
C PRO A 113 1.27 -3.35 -18.15
N GLN A 114 1.57 -4.67 -18.33
CA GLN A 114 2.67 -5.36 -17.67
C GLN A 114 4.07 -4.83 -17.93
N GLU A 115 4.43 -4.57 -19.19
CA GLU A 115 5.79 -4.15 -19.52
C GLU A 115 5.90 -2.67 -19.70
N GLU A 116 6.96 -2.08 -19.16
CA GLU A 116 7.22 -0.65 -19.26
C GLU A 116 7.97 -0.32 -20.56
N GLN A 117 7.43 0.58 -21.39
CA GLN A 117 8.05 0.96 -22.67
C GLN A 117 8.53 2.44 -22.68
N GLU A 118 8.08 3.27 -23.65
CA GLU A 118 8.41 4.70 -23.84
C GLU A 118 7.77 5.21 -25.12
N ARG B 6 -9.50 -20.92 -7.85
CA ARG B 6 -9.18 -20.30 -9.13
C ARG B 6 -7.67 -20.09 -9.33
N VAL B 7 -7.17 -20.35 -10.56
CA VAL B 7 -5.76 -20.17 -10.95
C VAL B 7 -5.73 -19.30 -12.23
N THR B 8 -5.32 -18.03 -12.09
CA THR B 8 -5.19 -17.08 -13.20
C THR B 8 -3.70 -16.74 -13.37
N ASN B 9 -3.32 -16.05 -14.47
CA ASN B 9 -1.91 -15.69 -14.65
C ASN B 9 -1.46 -14.68 -13.55
N GLN B 10 -2.36 -13.76 -13.16
CA GLN B 10 -2.09 -12.77 -12.10
C GLN B 10 -1.84 -13.46 -10.77
N LEU B 11 -2.67 -14.42 -10.36
CA LEU B 11 -2.51 -15.17 -9.10
C LEU B 11 -1.29 -16.07 -9.12
N GLN B 12 -0.95 -16.59 -10.29
CA GLN B 12 0.26 -17.38 -10.46
C GLN B 12 1.49 -16.50 -10.22
N TYR B 13 1.47 -15.30 -10.80
CA TYR B 13 2.55 -14.32 -10.61
C TYR B 13 2.64 -13.91 -9.13
N LEU B 14 1.50 -13.68 -8.45
CA LEU B 14 1.51 -13.31 -7.03
C LEU B 14 2.10 -14.42 -6.17
N HIS B 15 1.89 -15.67 -6.56
CA HIS B 15 2.41 -16.80 -5.81
C HIS B 15 3.90 -17.04 -6.10
N LYS B 16 4.24 -17.19 -7.38
CA LYS B 16 5.60 -17.56 -7.83
C LYS B 16 6.60 -16.43 -7.86
N VAL B 17 6.16 -15.17 -8.06
CA VAL B 17 7.09 -14.03 -8.05
C VAL B 17 6.98 -13.21 -6.74
N VAL B 18 5.77 -12.66 -6.46
CA VAL B 18 5.58 -11.74 -5.31
C VAL B 18 5.80 -12.45 -3.96
N MET B 19 5.00 -13.50 -3.67
CA MET B 19 5.12 -14.25 -2.41
C MET B 19 6.53 -14.85 -2.25
N LYS B 20 7.11 -15.38 -3.35
CA LYS B 20 8.45 -15.95 -3.35
C LYS B 20 9.47 -14.93 -2.87
N ALA B 21 9.43 -13.69 -3.41
CA ALA B 21 10.33 -12.60 -3.03
C ALA B 21 10.12 -12.16 -1.56
N LEU B 22 8.88 -12.04 -1.10
CA LEU B 22 8.58 -11.58 0.26
C LEU B 22 8.85 -12.58 1.35
N TRP B 23 8.44 -13.84 1.14
CA TRP B 23 8.57 -14.90 2.13
C TRP B 23 9.99 -15.10 2.66
N LYS B 24 10.99 -15.02 1.78
CA LYS B 24 12.41 -15.25 2.10
C LYS B 24 13.15 -14.00 2.60
N HIS B 25 12.51 -12.81 2.52
CA HIS B 25 13.15 -11.57 2.94
C HIS B 25 13.59 -11.62 4.40
N GLN B 26 14.76 -11.05 4.73
CA GLN B 26 15.26 -11.01 6.12
C GLN B 26 14.28 -10.36 7.11
N PHE B 27 13.44 -9.40 6.64
CA PHE B 27 12.44 -8.74 7.50
C PHE B 27 11.08 -9.45 7.54
N ALA B 28 10.96 -10.60 6.85
CA ALA B 28 9.66 -11.30 6.76
C ALA B 28 9.22 -12.06 8.00
N TRP B 29 10.17 -12.54 8.84
CA TRP B 29 9.86 -13.41 9.99
C TRP B 29 8.73 -12.87 10.91
N PRO B 30 8.56 -11.57 11.26
CA PRO B 30 7.40 -11.19 12.11
C PRO B 30 6.07 -11.26 11.39
N PHE B 31 6.07 -11.45 10.07
CA PHE B 31 4.87 -11.48 9.22
C PHE B 31 4.51 -12.86 8.66
N ARG B 32 5.31 -13.89 8.97
CA ARG B 32 5.09 -15.24 8.42
C ARG B 32 3.99 -16.04 9.09
N GLN B 33 3.53 -15.57 10.24
CA GLN B 33 2.49 -16.22 11.02
C GLN B 33 1.65 -15.15 11.70
N PRO B 34 0.40 -15.48 12.16
CA PRO B 34 -0.42 -14.44 12.80
C PRO B 34 0.25 -13.89 14.04
N VAL B 35 -0.08 -12.64 14.38
CA VAL B 35 0.42 -11.98 15.57
C VAL B 35 -0.17 -12.76 16.77
N ASP B 36 0.71 -13.32 17.62
CA ASP B 36 0.30 -14.06 18.81
C ASP B 36 0.29 -13.02 19.91
N ALA B 37 -0.86 -12.34 20.06
CA ALA B 37 -1.04 -11.26 21.04
C ALA B 37 -0.84 -11.70 22.49
N VAL B 38 -1.17 -12.96 22.81
CA VAL B 38 -0.98 -13.53 24.15
C VAL B 38 0.52 -13.63 24.45
N LYS B 39 1.28 -14.31 23.56
CA LYS B 39 2.73 -14.47 23.69
C LYS B 39 3.46 -13.12 23.73
N LEU B 40 3.00 -12.14 22.94
CA LEU B 40 3.63 -10.83 22.84
C LEU B 40 3.25 -9.85 23.92
N GLY B 41 2.23 -10.20 24.70
CA GLY B 41 1.71 -9.35 25.76
C GLY B 41 1.02 -8.11 25.22
N LEU B 42 0.18 -8.27 24.16
CA LEU B 42 -0.57 -7.15 23.56
C LEU B 42 -2.09 -7.38 23.76
N PRO B 43 -2.68 -7.13 24.97
CA PRO B 43 -4.13 -7.41 25.14
C PRO B 43 -5.09 -6.55 24.31
N ASP B 44 -4.65 -5.39 23.83
CA ASP B 44 -5.48 -4.52 23.00
C ASP B 44 -5.40 -4.85 21.48
N TYR B 45 -4.56 -5.81 21.09
CA TYR B 45 -4.32 -6.10 19.66
C TYR B 45 -5.61 -6.43 18.91
N HIS B 46 -6.35 -7.45 19.36
CA HIS B 46 -7.59 -7.87 18.70
C HIS B 46 -8.76 -6.90 18.91
N LYS B 47 -8.58 -5.85 19.74
CA LYS B 47 -9.57 -4.80 19.93
C LYS B 47 -9.38 -3.70 18.87
N ILE B 48 -8.13 -3.48 18.46
CA ILE B 48 -7.80 -2.47 17.46
C ILE B 48 -7.77 -3.11 16.06
N ILE B 49 -7.20 -4.31 15.95
CA ILE B 49 -7.08 -5.01 14.68
C ILE B 49 -8.19 -6.05 14.58
N LYS B 50 -9.24 -5.71 13.84
CA LYS B 50 -10.41 -6.55 13.67
C LYS B 50 -10.27 -7.52 12.52
N GLN B 51 -9.29 -7.27 11.61
CA GLN B 51 -9.04 -8.18 10.49
C GLN B 51 -7.58 -8.60 10.46
N PRO B 52 -7.12 -9.48 11.37
CA PRO B 52 -5.69 -9.87 11.36
C PRO B 52 -5.30 -10.53 10.03
N MET B 53 -4.07 -10.32 9.55
CA MET B 53 -3.60 -10.94 8.31
C MET B 53 -2.12 -11.13 8.39
N ASP B 54 -1.61 -12.19 7.77
CA ASP B 54 -0.18 -12.51 7.77
C ASP B 54 0.15 -13.25 6.48
N MET B 55 1.43 -13.28 6.14
CA MET B 55 1.90 -13.93 4.91
C MET B 55 1.65 -15.41 4.86
N GLY B 56 1.67 -16.08 6.03
CA GLY B 56 1.42 -17.52 6.11
C GLY B 56 0.00 -17.83 5.67
N THR B 57 -0.99 -17.02 6.11
CA THR B 57 -2.40 -17.15 5.72
C THR B 57 -2.52 -16.92 4.21
N ILE B 58 -1.88 -15.83 3.71
CA ILE B 58 -1.90 -15.50 2.27
C ILE B 58 -1.27 -16.65 1.45
N LYS B 59 -0.14 -17.20 1.92
CA LYS B 59 0.56 -18.31 1.26
C LYS B 59 -0.34 -19.55 1.16
N ARG B 60 -0.96 -19.95 2.29
CA ARG B 60 -1.90 -21.06 2.42
C ARG B 60 -3.08 -20.84 1.45
N ARG B 61 -3.60 -19.60 1.37
CA ARG B 61 -4.71 -19.25 0.47
C ARG B 61 -4.33 -19.37 -1.01
N LEU B 62 -3.10 -18.99 -1.37
CA LEU B 62 -2.63 -19.11 -2.76
C LEU B 62 -2.44 -20.58 -3.13
N GLU B 63 -1.91 -21.38 -2.18
CA GLU B 63 -1.69 -22.83 -2.34
C GLU B 63 -3.00 -23.63 -2.50
N ASN B 64 -4.09 -23.22 -1.81
CA ASN B 64 -5.41 -23.87 -1.81
C ASN B 64 -6.44 -23.20 -2.73
N ASN B 65 -5.97 -22.36 -3.67
CA ASN B 65 -6.79 -21.66 -4.68
C ASN B 65 -8.05 -20.98 -4.07
N TYR B 66 -7.84 -20.28 -2.94
CA TYR B 66 -8.88 -19.55 -2.19
C TYR B 66 -9.38 -18.32 -2.95
N TYR B 67 -8.48 -17.61 -3.64
CA TYR B 67 -8.79 -16.37 -4.36
C TYR B 67 -9.41 -16.54 -5.73
N TRP B 68 -10.30 -15.60 -6.09
CA TRP B 68 -10.96 -15.63 -7.39
C TRP B 68 -10.28 -14.63 -8.31
N ALA B 69 -9.77 -13.52 -7.73
CA ALA B 69 -9.06 -12.49 -8.48
C ALA B 69 -7.79 -12.01 -7.76
N ALA B 70 -6.84 -11.44 -8.56
CA ALA B 70 -5.56 -10.88 -8.10
C ALA B 70 -5.78 -9.84 -7.03
N SER B 71 -6.72 -8.92 -7.29
CA SER B 71 -7.15 -7.83 -6.45
C SER B 71 -7.45 -8.28 -5.01
N GLU B 72 -8.06 -9.48 -4.83
CA GLU B 72 -8.39 -10.02 -3.50
C GLU B 72 -7.15 -10.38 -2.71
N CYS B 73 -6.13 -10.97 -3.39
CA CYS B 73 -4.88 -11.34 -2.72
C CYS B 73 -4.11 -10.06 -2.37
N MET B 74 -4.14 -9.09 -3.28
CA MET B 74 -3.46 -7.81 -3.10
C MET B 74 -4.05 -7.04 -1.91
N GLN B 75 -5.37 -7.17 -1.67
CA GLN B 75 -6.04 -6.55 -0.54
C GLN B 75 -5.59 -7.20 0.75
N ASP B 76 -5.35 -8.54 0.74
CA ASP B 76 -4.87 -9.23 1.95
C ASP B 76 -3.46 -8.77 2.30
N PHE B 77 -2.57 -8.61 1.29
CA PHE B 77 -1.22 -8.07 1.57
C PHE B 77 -1.37 -6.66 2.17
N ASN B 78 -2.24 -5.84 1.56
CA ASN B 78 -2.50 -4.48 2.03
C ASN B 78 -3.02 -4.44 3.46
N THR B 79 -3.96 -5.34 3.80
CA THR B 79 -4.52 -5.43 5.18
C THR B 79 -3.38 -5.74 6.17
N MET B 80 -2.53 -6.71 5.85
CA MET B 80 -1.39 -7.06 6.70
C MET B 80 -0.49 -5.83 6.98
N PHE B 81 -0.15 -5.05 5.92
CA PHE B 81 0.73 -3.88 6.11
C PHE B 81 0.00 -2.77 6.90
N THR B 82 -1.23 -2.49 6.53
CA THR B 82 -2.05 -1.46 7.19
C THR B 82 -2.25 -1.75 8.67
N ASN B 83 -2.49 -3.02 9.02
CA ASN B 83 -2.67 -3.43 10.42
C ASN B 83 -1.43 -3.04 11.21
N CYS B 84 -0.25 -3.26 10.60
CA CYS B 84 1.02 -2.95 11.23
C CYS B 84 1.17 -1.45 11.50
N TYR B 85 0.87 -0.59 10.50
CA TYR B 85 1.00 0.87 10.66
C TYR B 85 0.03 1.45 11.64
N ILE B 86 -1.19 0.91 11.65
CA ILE B 86 -2.26 1.41 12.53
C ILE B 86 -2.04 1.03 14.00
N TYR B 87 -1.66 -0.21 14.26
CA TYR B 87 -1.51 -0.67 15.63
C TYR B 87 -0.26 -0.14 16.34
N ASN B 88 0.89 -0.24 15.67
CA ASN B 88 2.16 0.10 16.28
C ASN B 88 2.45 1.58 16.33
N LYS B 89 3.45 1.97 17.15
CA LYS B 89 3.90 3.35 17.25
C LYS B 89 4.72 3.71 16.00
N PRO B 90 4.69 4.97 15.56
CA PRO B 90 5.47 5.37 14.37
C PRO B 90 6.98 5.02 14.41
N THR B 91 7.56 5.00 15.61
CA THR B 91 8.99 4.76 15.83
C THR B 91 9.38 3.29 16.06
N ASP B 92 8.39 2.38 16.10
CA ASP B 92 8.65 0.96 16.26
C ASP B 92 9.36 0.44 15.02
N ASP B 93 10.38 -0.42 15.19
CA ASP B 93 11.14 -1.00 14.08
C ASP B 93 10.27 -1.80 13.14
N ILE B 94 9.24 -2.48 13.67
CA ILE B 94 8.30 -3.27 12.88
C ILE B 94 7.71 -2.45 11.74
N VAL B 95 7.46 -1.14 11.97
CA VAL B 95 6.90 -0.24 10.96
C VAL B 95 7.90 -0.09 9.78
N LEU B 96 9.20 0.01 10.10
CA LEU B 96 10.25 0.09 9.08
C LEU B 96 10.34 -1.21 8.29
N MET B 97 10.22 -2.35 8.99
CA MET B 97 10.24 -3.69 8.38
C MET B 97 9.05 -3.85 7.42
N ALA B 98 7.83 -3.42 7.86
CA ALA B 98 6.63 -3.49 7.02
C ALA B 98 6.81 -2.60 5.76
N GLN B 99 7.31 -1.36 5.92
CA GLN B 99 7.55 -0.40 4.82
C GLN B 99 8.53 -0.97 3.82
N THR B 100 9.59 -1.65 4.28
CA THR B 100 10.59 -2.27 3.39
C THR B 100 9.92 -3.36 2.56
N LEU B 101 9.18 -4.25 3.19
CA LEU B 101 8.47 -5.32 2.46
C LEU B 101 7.42 -4.79 1.53
N GLU B 102 6.68 -3.74 1.95
CA GLU B 102 5.60 -3.19 1.13
C GLU B 102 6.16 -2.55 -0.14
N LYS B 103 7.39 -1.97 -0.06
CA LYS B 103 7.99 -1.36 -1.26
C LYS B 103 8.31 -2.43 -2.29
N ILE B 104 8.79 -3.59 -1.84
CA ILE B 104 9.11 -4.74 -2.70
C ILE B 104 7.81 -5.23 -3.30
N PHE B 105 6.76 -5.36 -2.46
CA PHE B 105 5.44 -5.80 -2.91
C PHE B 105 4.99 -4.93 -4.10
N LEU B 106 5.04 -3.59 -3.96
CA LEU B 106 4.64 -2.64 -5.01
C LEU B 106 5.54 -2.70 -6.24
N GLN B 107 6.88 -2.85 -6.06
CA GLN B 107 7.82 -2.94 -7.19
C GLN B 107 7.46 -4.17 -8.01
N LYS B 108 7.22 -5.31 -7.33
CA LYS B 108 6.84 -6.57 -8.02
C LYS B 108 5.47 -6.50 -8.69
N VAL B 109 4.49 -5.88 -8.03
CA VAL B 109 3.14 -5.75 -8.55
C VAL B 109 3.11 -4.86 -9.82
N ALA B 110 4.06 -3.91 -9.96
CA ALA B 110 4.17 -3.05 -11.14
C ALA B 110 4.49 -3.88 -12.43
N SER B 111 5.04 -5.09 -12.26
CA SER B 111 5.40 -5.99 -13.38
C SER B 111 4.41 -7.16 -13.52
N MET B 112 3.32 -7.20 -12.71
CA MET B 112 2.34 -8.27 -12.76
C MET B 112 1.61 -8.34 -14.16
N PRO B 113 1.27 -9.55 -14.64
CA PRO B 113 0.50 -9.68 -15.90
C PRO B 113 -0.83 -8.92 -15.83
N GLN B 114 -1.27 -8.42 -16.97
CA GLN B 114 -2.48 -7.63 -17.10
C GLN B 114 -3.80 -8.42 -17.04
N GLU B 115 -3.73 -9.77 -17.20
CA GLU B 115 -4.86 -10.73 -17.21
C GLU B 115 -5.44 -10.87 -18.64
#